data_9MFZ
#
_entry.id   9MFZ
#
_cell.length_a   192.511
_cell.length_b   57.633
_cell.length_c   57.633
_cell.angle_alpha   90.000
_cell.angle_beta   107.420
_cell.angle_gamma   90.000
#
_symmetry.space_group_name_H-M   'C 1 2 1'
#
loop_
_entity.id
_entity.type
_entity.pdbx_description
1 polymer Streptavidin
2 non-polymer N-(5-{bis[(pyridin-2-yl)methyl]amino}pentyl)-5-[(3aS,4S,6aR)-2-oxohexahydro-1H-thieno[3,4-d]imidazol-4-yl]pentanamide
3 non-polymer 'FE (III) ION'
4 non-polymer 'SULFATE ION'
5 water water
#
_entity_poly.entity_id   1
_entity_poly.type   'polypeptide(L)'
_entity_poly.pdbx_seq_one_letter_code
;MGRDEAGITGTWYNQLGSTFIVTAGADGALTGTYESAVGNAESRYVLTGRYDSAPATDGSGTALGWTVAWKNNYRNAHSA
TTWSGQYVGGAQARINTQWLLTSGTTEANAWASTEVGHDTFTKVK
;
_entity_poly.pdbx_strand_id   A,B,C,D
#
loop_
_chem_comp.id
_chem_comp.type
_chem_comp.name
_chem_comp.formula
A1BLH non-polymer N-(5-{bis[(pyridin-2-yl)methyl]amino}pentyl)-5-[(3aS,4S,6aR)-2-oxohexahydro-1H-thieno[3,4-d]imidazol-4-yl]pentanamide 'C27 H38 N6 O2 S'
FE non-polymer 'FE (III) ION' 'Fe 3'
SO4 non-polymer 'SULFATE ION' 'O4 S -2'
#
# COMPACT_ATOMS: atom_id res chain seq x y z
N MET A 1 -16.67 14.17 25.68
CA MET A 1 -15.37 14.05 25.01
C MET A 1 -15.25 12.73 24.26
N GLY A 2 -14.44 12.72 23.21
CA GLY A 2 -14.06 11.45 22.61
C GLY A 2 -13.33 10.56 23.61
N ARG A 3 -13.49 9.25 23.44
CA ARG A 3 -12.97 8.32 24.44
C ARG A 3 -11.45 8.48 24.59
N ASP A 4 -10.76 8.70 23.47
CA ASP A 4 -9.32 8.89 23.49
C ASP A 4 -8.92 10.32 23.15
N GLU A 5 -9.85 11.26 23.20
CA GLU A 5 -9.50 12.66 23.01
C GLU A 5 -8.26 13.03 23.83
N ALA A 6 -8.26 12.72 25.14
CA ALA A 6 -7.13 13.11 25.98
C ALA A 6 -5.86 12.35 25.63
N GLY A 7 -5.98 11.05 25.28
CA GLY A 7 -4.79 10.27 24.99
C GLY A 7 -4.14 10.67 23.67
N ILE A 8 -4.94 11.11 22.68
CA ILE A 8 -4.34 11.45 21.39
C ILE A 8 -3.76 12.85 21.39
N THR A 9 -4.44 13.80 22.03
CA THR A 9 -3.97 15.19 21.99
C THR A 9 -2.58 15.33 22.57
N GLY A 10 -1.72 16.01 21.85
CA GLY A 10 -0.38 16.29 22.31
C GLY A 10 0.65 16.12 21.23
N THR A 11 1.90 15.97 21.68
CA THR A 11 3.05 15.90 20.78
C THR A 11 3.49 14.46 20.66
N TRP A 12 3.75 14.02 19.42
CA TRP A 12 4.20 12.67 19.11
C TRP A 12 5.44 12.72 18.23
N TYR A 13 6.25 11.67 18.34
CA TYR A 13 7.47 11.59 17.57
C TYR A 13 7.55 10.26 16.83
N ASN A 14 8.04 10.26 15.58
CA ASN A 14 8.14 8.93 15.00
C ASN A 14 9.60 8.50 14.90
N GLN A 15 9.80 7.35 14.25
CA GLN A 15 11.12 6.71 14.23
C GLN A 15 12.14 7.46 13.41
N LEU A 16 11.72 8.38 12.55
CA LEU A 16 12.59 9.22 11.73
C LEU A 16 12.97 10.49 12.47
N GLY A 17 12.35 10.73 13.61
CA GLY A 17 12.55 11.98 14.34
C GLY A 17 11.61 13.10 13.94
N SER A 18 10.57 12.81 13.15
CA SER A 18 9.56 13.79 12.87
C SER A 18 8.66 14.06 14.08
N THR A 19 8.05 15.24 14.10
CA THR A 19 7.20 15.71 15.19
C THR A 19 5.80 15.98 14.72
N PHE A 20 4.82 15.37 15.41
CA PHE A 20 3.41 15.44 15.03
C PHE A 20 2.72 16.05 16.25
N ILE A 21 2.18 17.26 16.10
CA ILE A 21 1.49 17.97 17.18
C ILE A 21 0.00 18.00 16.82
N VAL A 22 -0.85 17.43 17.68
CA VAL A 22 -2.25 17.24 17.29
C VAL A 22 -3.18 17.59 18.42
N THR A 23 -4.34 18.15 18.07
CA THR A 23 -5.45 18.27 19.00
C THR A 23 -6.61 17.44 18.50
N ALA A 24 -7.15 16.59 19.37
CA ALA A 24 -8.32 15.81 19.01
C ALA A 24 -9.56 16.51 19.58
N GLY A 25 -10.55 16.71 18.74
CA GLY A 25 -11.80 17.29 19.19
C GLY A 25 -12.80 16.23 19.62
N ALA A 26 -13.79 16.61 20.42
CA ALA A 26 -14.73 15.60 20.98
C ALA A 26 -15.56 14.91 19.91
N ASP A 27 -15.68 15.51 18.73
CA ASP A 27 -16.58 14.95 17.68
C ASP A 27 -15.81 14.00 16.75
N GLY A 28 -14.47 14.04 16.77
CA GLY A 28 -13.73 13.22 15.81
C GLY A 28 -12.68 14.02 15.06
N ALA A 29 -12.61 15.34 15.28
CA ALA A 29 -11.66 16.11 14.47
C ALA A 29 -10.23 15.96 14.97
N LEU A 30 -9.27 16.00 14.02
CA LEU A 30 -7.85 16.15 14.36
C LEU A 30 -7.33 17.39 13.64
N THR A 31 -6.59 18.21 14.37
CA THR A 31 -5.98 19.40 13.80
C THR A 31 -4.61 19.54 14.40
N GLY A 32 -3.68 20.10 13.63
CA GLY A 32 -2.36 20.33 14.22
C GLY A 32 -1.31 20.64 13.17
N THR A 33 -0.08 20.31 13.51
CA THR A 33 1.05 20.59 12.63
C THR A 33 1.97 19.37 12.58
N TYR A 34 2.72 19.28 11.50
CA TYR A 34 3.63 18.18 11.28
C TYR A 34 4.95 18.78 10.84
N GLU A 35 6.03 18.26 11.40
CA GLU A 35 7.38 18.67 11.01
C GLU A 35 8.15 17.41 10.66
N SER A 36 8.56 17.28 9.38
CA SER A 36 9.26 16.06 8.94
C SER A 36 10.75 16.22 9.12
N ALA A 37 11.37 15.19 9.67
CA ALA A 37 12.84 15.17 9.77
C ALA A 37 13.51 14.80 8.45
N VAL A 38 12.74 14.36 7.43
CA VAL A 38 13.33 13.91 6.19
C VAL A 38 12.54 14.47 5.02
N GLY A 39 13.16 14.38 3.85
CA GLY A 39 12.46 14.77 2.65
C GLY A 39 12.50 16.25 2.35
N ASN A 40 11.69 16.63 1.35
CA ASN A 40 11.66 18.01 0.84
C ASN A 40 10.70 18.77 1.73
N ALA A 41 11.19 19.14 2.91
CA ALA A 41 10.35 19.68 3.96
C ALA A 41 11.18 20.53 4.90
N GLU A 42 10.56 21.62 5.35
CA GLU A 42 11.21 22.49 6.36
C GLU A 42 10.13 23.09 7.26
N SER A 43 10.38 23.07 8.56
CA SER A 43 9.47 23.68 9.52
C SER A 43 8.11 22.97 9.53
N ARG A 44 7.08 23.66 9.97
CA ARG A 44 5.78 23.00 10.23
C ARG A 44 4.82 23.15 9.05
N TYR A 45 3.99 22.11 8.88
CA TYR A 45 2.92 22.07 7.88
C TYR A 45 1.60 21.80 8.58
N VAL A 46 0.53 22.37 8.03
CA VAL A 46 -0.80 22.15 8.57
C VAL A 46 -1.20 20.69 8.37
N LEU A 47 -1.83 20.11 9.39
CA LEU A 47 -2.47 18.82 9.17
C LEU A 47 -3.90 18.85 9.65
N THR A 48 -4.72 18.01 9.01
CA THR A 48 -6.09 17.79 9.48
CA THR A 48 -6.11 17.80 9.46
C THR A 48 -6.44 16.33 9.31
N GLY A 49 -7.34 15.83 10.18
CA GLY A 49 -7.74 14.43 10.02
C GLY A 49 -8.92 14.12 10.88
N ARG A 50 -9.15 12.82 11.04
CA ARG A 50 -10.31 12.35 11.81
C ARG A 50 -9.93 11.14 12.64
N TYR A 51 -10.66 10.91 13.74
CA TYR A 51 -10.45 9.71 14.51
C TYR A 51 -11.82 9.19 14.98
N ASP A 52 -11.87 7.90 15.32
CA ASP A 52 -13.06 7.29 15.92
C ASP A 52 -13.18 7.75 17.36
N SER A 53 -14.17 8.59 17.62
CA SER A 53 -14.36 9.16 18.97
C SER A 53 -15.15 8.23 19.91
N ALA A 54 -15.53 7.04 19.46
CA ALA A 54 -16.24 6.07 20.32
C ALA A 54 -15.76 4.67 19.95
N PRO A 55 -14.49 4.37 20.22
CA PRO A 55 -13.95 3.07 19.79
C PRO A 55 -14.55 1.91 20.55
N ALA A 56 -14.28 0.72 20.05
CA ALA A 56 -14.71 -0.50 20.71
C ALA A 56 -14.07 -0.58 22.10
N THR A 57 -14.77 -1.23 23.03
CA THR A 57 -14.29 -1.32 24.41
C THR A 57 -13.66 -2.68 24.72
N ASP A 58 -13.25 -3.43 23.69
CA ASP A 58 -12.76 -4.79 23.82
C ASP A 58 -11.24 -4.87 23.78
N GLY A 59 -10.54 -3.77 24.08
CA GLY A 59 -9.10 -3.71 23.97
C GLY A 59 -8.60 -3.37 22.57
N SER A 60 -9.49 -3.13 21.63
CA SER A 60 -9.07 -2.74 20.30
C SER A 60 -8.47 -1.34 20.31
N GLY A 61 -7.64 -1.08 19.33
CA GLY A 61 -7.15 0.26 19.11
C GLY A 61 -8.22 1.20 18.50
N THR A 62 -7.82 2.45 18.35
CA THR A 62 -8.69 3.55 17.91
C THR A 62 -8.24 3.97 16.52
N ALA A 63 -9.11 3.75 15.52
CA ALA A 63 -8.72 4.10 14.15
C ALA A 63 -8.67 5.63 13.95
N LEU A 64 -7.72 6.08 13.11
CA LEU A 64 -7.60 7.49 12.80
C LEU A 64 -6.77 7.66 11.54
N GLY A 65 -6.81 8.88 10.99
CA GLY A 65 -5.96 9.22 9.86
C GLY A 65 -5.83 10.71 9.78
N TRP A 66 -4.80 11.14 9.07
CA TRP A 66 -4.66 12.58 8.80
C TRP A 66 -3.86 12.80 7.54
N THR A 67 -3.89 14.04 7.08
CA THR A 67 -3.23 14.48 5.84
C THR A 67 -2.36 15.69 6.09
N VAL A 68 -1.20 15.68 5.43
CA VAL A 68 -0.39 16.89 5.25
C VAL A 68 -0.19 17.12 3.76
N ALA A 69 -0.46 18.33 3.29
CA ALA A 69 0.02 18.74 1.95
C ALA A 69 1.33 19.52 2.17
N TRP A 70 2.34 19.19 1.40
CA TRP A 70 3.69 19.66 1.72
C TRP A 70 3.98 21.03 1.10
N LYS A 71 3.08 21.97 1.38
CA LYS A 71 3.27 23.37 1.04
C LYS A 71 3.15 24.18 2.32
N ASN A 72 4.14 25.04 2.55
CA ASN A 72 4.04 26.02 3.64
C ASN A 72 4.73 27.30 3.14
N ASN A 73 5.06 28.21 4.07
CA ASN A 73 5.64 29.45 3.56
C ASN A 73 7.07 29.30 3.11
N TYR A 74 7.71 28.17 3.43
CA TYR A 74 9.11 27.98 3.06
C TYR A 74 9.30 27.14 1.82
N ARG A 75 8.45 26.15 1.57
CA ARG A 75 8.73 25.18 0.52
C ARG A 75 7.42 24.65 0.00
N ASN A 76 7.45 24.18 -1.23
CA ASN A 76 6.30 23.44 -1.76
C ASN A 76 6.83 22.22 -2.51
N ALA A 77 6.61 21.03 -1.93
CA ALA A 77 7.09 19.78 -2.52
C ALA A 77 6.04 19.12 -3.41
N HIS A 78 4.98 19.84 -3.74
CA HIS A 78 3.91 19.37 -4.66
C HIS A 78 3.54 17.92 -4.38
N SER A 79 3.13 17.70 -3.13
CA SER A 79 2.85 16.32 -2.70
C SER A 79 2.02 16.38 -1.43
N ALA A 80 1.43 15.24 -1.10
CA ALA A 80 0.63 15.17 0.12
C ALA A 80 0.86 13.76 0.68
N THR A 81 0.93 13.65 2.00
CA THR A 81 0.97 12.34 2.67
C THR A 81 -0.28 12.16 3.50
N THR A 82 -0.86 10.96 3.44
CA THR A 82 -1.93 10.60 4.36
C THR A 82 -1.46 9.43 5.20
N TRP A 83 -1.62 9.55 6.51
CA TRP A 83 -1.32 8.48 7.45
C TRP A 83 -2.62 7.86 7.89
N SER A 84 -2.69 6.54 7.86
CA SER A 84 -3.88 5.76 8.29
C SER A 84 -3.41 4.76 9.33
N GLY A 85 -4.07 4.69 10.49
CA GLY A 85 -3.50 3.83 11.52
C GLY A 85 -4.44 3.72 12.72
N GLN A 86 -3.85 3.25 13.81
CA GLN A 86 -4.63 3.18 15.03
C GLN A 86 -3.78 3.61 16.19
N TYR A 87 -4.48 4.25 17.14
CA TYR A 87 -3.91 4.68 18.41
C TYR A 87 -4.13 3.56 19.44
N VAL A 88 -3.08 3.23 20.19
CA VAL A 88 -3.12 2.22 21.25
C VAL A 88 -2.68 2.92 22.53
N GLY A 89 -3.53 2.96 23.53
CA GLY A 89 -3.24 3.74 24.73
C GLY A 89 -2.37 2.97 25.71
N GLY A 90 -2.16 3.56 26.88
CA GLY A 90 -1.43 2.89 27.93
C GLY A 90 -0.04 3.48 28.14
N ALA A 91 0.74 2.81 28.98
CA ALA A 91 1.97 3.44 29.47
C ALA A 91 2.96 3.67 28.35
N GLN A 92 2.90 2.79 27.35
CA GLN A 92 3.74 2.93 26.16
C GLN A 92 2.79 3.19 24.98
N ALA A 93 1.96 4.21 25.11
CA ALA A 93 1.05 4.58 24.04
C ALA A 93 1.76 4.70 22.70
N ARG A 94 1.03 4.31 21.64
CA ARG A 94 1.64 4.37 20.31
C ARG A 94 0.55 4.73 19.30
N ILE A 95 0.94 5.39 18.22
CA ILE A 95 0.09 5.46 17.02
C ILE A 95 0.83 4.69 15.92
N ASN A 96 0.25 3.59 15.49
CA ASN A 96 0.89 2.75 14.47
C ASN A 96 0.22 3.08 13.13
N THR A 97 1.00 3.53 12.16
CA THR A 97 0.42 3.98 10.87
C THR A 97 1.11 3.33 9.68
N GLN A 98 0.37 3.32 8.60
CA GLN A 98 0.97 3.23 7.26
C GLN A 98 0.59 4.50 6.51
N TRP A 99 1.37 4.86 5.50
CA TRP A 99 1.11 6.15 4.85
C TRP A 99 1.30 6.02 3.35
N LEU A 100 0.65 6.96 2.64
CA LEU A 100 0.72 7.07 1.18
C LEU A 100 1.15 8.50 0.89
N LEU A 101 2.24 8.65 0.15
CA LEU A 101 2.77 9.98 -0.22
C LEU A 101 2.61 10.12 -1.73
N THR A 102 1.68 10.98 -2.17
CA THR A 102 1.45 11.13 -3.62
C THR A 102 2.03 12.46 -4.06
N SER A 103 2.79 12.44 -5.17
CA SER A 103 3.25 13.69 -5.78
C SER A 103 2.35 14.06 -6.94
N GLY A 104 2.21 15.36 -7.19
CA GLY A 104 1.66 15.75 -8.49
C GLY A 104 2.65 15.39 -9.58
N THR A 105 2.17 14.74 -10.63
CA THR A 105 3.02 14.29 -11.73
C THR A 105 2.39 14.62 -13.08
N THR A 106 3.20 14.50 -14.14
CA THR A 106 2.61 14.47 -15.48
C THR A 106 1.91 13.13 -15.69
N GLU A 107 1.05 13.03 -16.71
CA GLU A 107 0.32 11.77 -16.84
C GLU A 107 1.30 10.64 -17.19
N ALA A 108 2.42 10.97 -17.83
CA ALA A 108 3.42 9.96 -18.17
C ALA A 108 4.13 9.36 -16.96
N ASN A 109 4.32 10.13 -15.89
CA ASN A 109 4.94 9.62 -14.66
C ASN A 109 3.93 9.24 -13.58
N ALA A 110 2.65 9.21 -13.90
CA ALA A 110 1.68 9.03 -12.82
C ALA A 110 1.72 7.62 -12.25
N TRP A 111 2.18 6.63 -13.03
CA TRP A 111 2.31 5.26 -12.49
C TRP A 111 3.23 5.24 -11.30
N ALA A 112 4.13 6.23 -11.20
CA ALA A 112 5.17 6.27 -10.17
C ALA A 112 4.91 7.39 -9.19
N SER A 113 3.66 7.84 -9.08
CA SER A 113 3.37 9.03 -8.27
C SER A 113 3.40 8.80 -6.76
N THR A 114 3.30 7.56 -6.29
CA THR A 114 2.92 7.36 -4.88
C THR A 114 3.91 6.45 -4.15
N GLU A 115 4.45 6.92 -3.05
CA GLU A 115 5.26 6.12 -2.11
CA GLU A 115 5.22 6.01 -2.18
C GLU A 115 4.38 5.59 -0.99
N VAL A 116 4.76 4.44 -0.46
CA VAL A 116 4.07 3.86 0.69
C VAL A 116 5.14 3.52 1.73
N GLY A 117 4.77 3.73 3.01
CA GLY A 117 5.65 3.41 4.12
C GLY A 117 4.86 3.31 5.40
N HIS A 118 5.64 3.14 6.51
CA HIS A 118 4.97 2.94 7.79
C HIS A 118 5.74 3.75 8.83
N ASP A 119 4.98 4.44 9.67
CA ASP A 119 5.57 5.24 10.78
C ASP A 119 4.94 4.79 12.09
N THR A 120 5.74 4.71 13.14
CA THR A 120 5.24 4.49 14.48
C THR A 120 5.55 5.72 15.31
N PHE A 121 4.54 6.24 15.97
CA PHE A 121 4.68 7.43 16.79
C PHE A 121 4.58 7.04 18.27
N THR A 122 5.45 7.67 19.07
CA THR A 122 5.39 7.51 20.51
C THR A 122 5.38 8.88 21.16
N LYS A 123 5.02 8.90 22.46
CA LYS A 123 5.03 10.19 23.17
C LYS A 123 6.41 10.61 23.65
N VAL A 124 7.38 9.71 23.51
CA VAL A 124 8.79 10.02 23.86
C VAL A 124 9.63 9.91 22.58
N LYS A 125 10.63 10.74 22.40
CA LYS A 125 11.53 10.57 21.23
C LYS A 125 12.70 9.69 21.68
N MET B 1 28.45 -15.77 -8.77
CA MET B 1 27.52 -15.83 -7.62
C MET B 1 26.85 -14.46 -7.42
N GLY B 2 25.68 -14.39 -7.06
CA GLY B 2 25.11 -13.09 -6.69
C GLY B 2 25.86 -12.46 -5.54
N ARG B 3 25.88 -11.12 -5.53
CA ARG B 3 26.69 -10.42 -4.54
C ARG B 3 26.23 -10.77 -3.13
N ASP B 4 24.92 -10.85 -2.92
CA ASP B 4 24.39 -11.19 -1.60
C ASP B 4 23.77 -12.57 -1.59
N GLU B 5 24.11 -13.41 -2.57
CA GLU B 5 23.63 -14.78 -2.54
C GLU B 5 23.88 -15.43 -1.17
N ALA B 6 25.11 -15.32 -0.65
CA ALA B 6 25.42 -15.95 0.63
C ALA B 6 24.68 -15.29 1.79
N GLY B 7 24.56 -13.95 1.77
CA GLY B 7 23.92 -13.25 2.89
C GLY B 7 22.42 -13.51 2.95
N ILE B 8 21.78 -13.69 1.79
CA ILE B 8 20.33 -13.88 1.83
C ILE B 8 19.95 -15.33 2.13
N THR B 9 20.69 -16.30 1.60
CA THR B 9 20.35 -17.70 1.81
C THR B 9 20.34 -18.06 3.29
N GLY B 10 19.27 -18.71 3.72
CA GLY B 10 19.19 -19.18 5.07
C GLY B 10 17.82 -18.99 5.66
N THR B 11 17.78 -19.05 6.99
CA THR B 11 16.51 -18.96 7.72
C THR B 11 16.35 -17.58 8.31
N TRP B 12 15.16 -17.02 8.15
CA TRP B 12 14.86 -15.67 8.68
C TRP B 12 13.60 -15.71 9.53
N TYR B 13 13.49 -14.75 10.44
CA TYR B 13 12.32 -14.67 11.33
C TYR B 13 11.78 -13.25 11.34
N ASN B 14 10.46 -13.11 11.34
CA ASN B 14 9.98 -11.74 11.41
C ASN B 14 9.40 -11.45 12.79
N GLN B 15 8.86 -10.24 12.90
CA GLN B 15 8.41 -9.75 14.22
C GLN B 15 7.20 -10.46 14.75
N LEU B 16 6.50 -11.21 13.91
CA LEU B 16 5.34 -12.00 14.30
C LEU B 16 5.74 -13.40 14.72
N GLY B 17 7.01 -13.77 14.53
CA GLY B 17 7.45 -15.13 14.78
C GLY B 17 7.33 -16.06 13.61
N SER B 18 7.01 -15.52 12.41
CA SER B 18 7.00 -16.35 11.22
C SER B 18 8.43 -16.69 10.78
N THR B 19 8.56 -17.77 10.02
CA THR B 19 9.84 -18.33 9.61
C THR B 19 9.91 -18.39 8.10
N PHE B 20 10.95 -17.75 7.55
CA PHE B 20 11.16 -17.65 6.09
C PHE B 20 12.46 -18.39 5.77
N ILE B 21 12.36 -19.48 5.05
CA ILE B 21 13.57 -20.28 4.67
C ILE B 21 13.80 -20.08 3.17
N VAL B 22 14.97 -19.57 2.82
CA VAL B 22 15.15 -19.23 1.39
C VAL B 22 16.54 -19.58 0.86
N THR B 23 16.56 -19.97 -0.40
CA THR B 23 17.82 -20.12 -1.10
C THR B 23 17.88 -19.12 -2.22
N ALA B 24 18.96 -18.35 -2.26
CA ALA B 24 19.18 -17.42 -3.36
C ALA B 24 20.09 -18.09 -4.41
N GLY B 25 19.67 -18.02 -5.66
CA GLY B 25 20.48 -18.53 -6.76
C GLY B 25 21.39 -17.46 -7.34
N ALA B 26 22.42 -17.86 -8.06
CA ALA B 26 23.40 -16.86 -8.55
C ALA B 26 22.80 -15.89 -9.58
N ASP B 27 21.70 -16.29 -10.22
CA ASP B 27 21.14 -15.45 -11.32
C ASP B 27 20.08 -14.48 -10.79
N GLY B 28 19.60 -14.67 -9.56
CA GLY B 28 18.51 -13.81 -9.08
C GLY B 28 17.34 -14.58 -8.52
N ALA B 29 17.38 -15.92 -8.57
CA ALA B 29 16.22 -16.68 -8.08
C ALA B 29 16.16 -16.76 -6.56
N LEU B 30 14.92 -16.74 -6.03
CA LEU B 30 14.67 -17.09 -4.63
C LEU B 30 13.69 -18.25 -4.61
N THR B 31 14.00 -19.27 -3.80
CA THR B 31 13.10 -20.39 -3.64
C THR B 31 13.15 -20.78 -2.17
N GLY B 32 12.04 -21.31 -1.65
CA GLY B 32 12.05 -21.74 -0.27
C GLY B 32 10.67 -22.02 0.26
N THR B 33 10.54 -21.87 1.58
CA THR B 33 9.26 -22.13 2.28
C THR B 33 9.00 -21.02 3.28
N TYR B 34 7.71 -20.83 3.58
CA TYR B 34 7.30 -19.80 4.52
C TYR B 34 6.35 -20.46 5.49
N GLU B 35 6.51 -20.14 6.76
CA GLU B 35 5.61 -20.65 7.82
C GLU B 35 5.13 -19.43 8.58
N SER B 36 3.81 -19.13 8.52
CA SER B 36 3.28 -17.95 9.20
C SER B 36 2.87 -18.28 10.62
N ALA B 37 3.25 -17.43 11.56
CA ALA B 37 2.78 -17.59 12.94
C ALA B 37 1.36 -17.10 13.14
N VAL B 38 0.75 -16.45 12.13
CA VAL B 38 -0.57 -15.84 12.28
C VAL B 38 -1.41 -16.13 11.06
N GLY B 39 -2.71 -15.91 11.22
CA GLY B 39 -3.61 -16.02 10.07
C GLY B 39 -4.07 -17.43 9.79
N ASN B 40 -4.70 -17.57 8.61
CA ASN B 40 -5.29 -18.86 8.21
C ASN B 40 -4.19 -19.67 7.50
N ALA B 41 -3.33 -20.26 8.31
CA ALA B 41 -2.09 -20.87 7.84
C ALA B 41 -1.63 -21.93 8.83
N GLU B 42 -1.11 -23.01 8.26
CA GLU B 42 -0.54 -24.11 9.05
C GLU B 42 0.66 -24.70 8.29
N SER B 43 1.78 -24.88 8.99
CA SER B 43 2.95 -25.53 8.45
CA SER B 43 2.89 -25.57 8.38
C SER B 43 3.55 -24.72 7.30
N ARG B 44 4.24 -25.37 6.39
CA ARG B 44 5.07 -24.63 5.41
C ARG B 44 4.35 -24.46 4.06
N TYR B 45 4.60 -23.35 3.38
CA TYR B 45 4.05 -23.07 2.07
C TYR B 45 5.23 -22.76 1.14
N VAL B 46 5.06 -23.11 -0.12
CA VAL B 46 6.07 -22.83 -1.13
C VAL B 46 6.18 -21.33 -1.33
N LEU B 47 7.41 -20.84 -1.51
CA LEU B 47 7.58 -19.47 -1.97
C LEU B 47 8.56 -19.43 -3.12
N THR B 48 8.45 -18.37 -3.90
N THR B 48 8.37 -18.47 -4.03
CA THR B 48 9.40 -18.15 -4.98
CA THR B 48 9.38 -18.17 -5.04
C THR B 48 9.49 -16.65 -5.17
C THR B 48 9.50 -16.66 -5.15
N GLY B 49 10.67 -16.19 -5.59
CA GLY B 49 10.83 -14.78 -5.81
C GLY B 49 12.08 -14.47 -6.57
N ARG B 50 12.47 -13.19 -6.49
CA ARG B 50 13.65 -12.72 -7.24
C ARG B 50 14.39 -11.69 -6.43
N TYR B 51 15.71 -11.57 -6.66
CA TYR B 51 16.45 -10.50 -6.01
C TYR B 51 17.45 -9.94 -7.01
N ASP B 52 17.89 -8.70 -6.74
CA ASP B 52 18.95 -8.05 -7.55
C ASP B 52 20.29 -8.70 -7.22
N SER B 53 20.82 -9.47 -8.17
CA SER B 53 22.06 -10.21 -7.91
C SER B 53 23.31 -9.37 -8.17
N ALA B 54 23.16 -8.10 -8.53
CA ALA B 54 24.32 -7.22 -8.71
C ALA B 54 23.95 -5.83 -8.20
N PRO B 55 23.76 -5.70 -6.88
CA PRO B 55 23.29 -4.43 -6.33
C PRO B 55 24.34 -3.34 -6.42
N ALA B 56 23.89 -2.13 -6.16
CA ALA B 56 24.80 -0.99 -6.19
C ALA B 56 25.85 -1.18 -5.10
N THR B 57 27.04 -0.59 -5.30
CA THR B 57 28.14 -0.75 -4.36
C THR B 57 28.26 0.41 -3.37
N ASP B 58 27.34 1.38 -3.43
CA ASP B 58 27.38 2.60 -2.65
C ASP B 58 26.77 2.45 -1.24
N GLY B 59 26.65 1.23 -0.69
CA GLY B 59 26.04 1.04 0.60
C GLY B 59 24.53 0.87 0.57
N SER B 60 23.94 0.94 -0.61
CA SER B 60 22.50 0.69 -0.74
C SER B 60 22.17 -0.76 -0.42
N GLY B 61 20.92 -0.98 -0.02
CA GLY B 61 20.42 -2.32 0.14
C GLY B 61 20.18 -2.99 -1.22
N THR B 62 19.72 -4.23 -1.10
CA THR B 62 19.55 -5.16 -2.23
C THR B 62 18.05 -5.40 -2.37
N ALA B 63 17.48 -4.95 -3.50
CA ALA B 63 16.03 -5.13 -3.72
C ALA B 63 15.67 -6.60 -3.97
N LEU B 64 14.50 -7.03 -3.43
CA LEU B 64 14.04 -8.39 -3.62
C LEU B 64 12.54 -8.44 -3.35
N GLY B 65 11.94 -9.56 -3.77
CA GLY B 65 10.55 -9.80 -3.45
C GLY B 65 10.24 -11.24 -3.59
N TRP B 66 9.16 -11.67 -2.95
CA TRP B 66 8.72 -13.06 -3.12
C TRP B 66 7.22 -13.17 -2.89
N THR B 67 6.68 -14.33 -3.30
CA THR B 67 5.26 -14.63 -3.17
C THR B 67 5.04 -15.94 -2.47
N VAL B 68 3.99 -15.97 -1.65
CA VAL B 68 3.39 -17.22 -1.11
C VAL B 68 1.93 -17.23 -1.51
N ALA B 69 1.46 -18.34 -2.11
CA ALA B 69 0.01 -18.57 -2.20
C ALA B 69 -0.36 -19.49 -1.07
N TRP B 70 -1.40 -19.13 -0.33
CA TRP B 70 -1.66 -19.79 0.96
C TRP B 70 -2.46 -21.09 0.80
N LYS B 71 -1.95 -21.95 -0.07
CA LYS B 71 -2.48 -23.30 -0.25
C LYS B 71 -1.34 -24.27 -0.01
N ASN B 72 -1.62 -25.26 0.84
CA ASN B 72 -0.69 -26.36 0.99
C ASN B 72 -1.53 -27.60 1.26
N ASN B 73 -0.89 -28.69 1.72
CA ASN B 73 -1.71 -29.91 1.88
C ASN B 73 -2.65 -29.86 3.06
N TYR B 74 -2.50 -28.87 3.94
CA TYR B 74 -3.32 -28.76 5.14
C TYR B 74 -4.45 -27.77 5.01
N ARG B 75 -4.24 -26.66 4.31
CA ARG B 75 -5.22 -25.58 4.32
C ARG B 75 -5.16 -24.82 3.02
N ASN B 76 -6.26 -24.18 2.68
CA ASN B 76 -6.24 -23.25 1.53
C ASN B 76 -7.00 -21.98 1.93
N ALA B 77 -6.28 -20.89 2.11
CA ALA B 77 -6.87 -19.62 2.53
C ALA B 77 -7.22 -18.73 1.35
N HIS B 78 -7.17 -19.27 0.14
CA HIS B 78 -7.60 -18.57 -1.08
C HIS B 78 -7.06 -17.14 -1.11
N SER B 79 -5.74 -17.05 -1.02
CA SER B 79 -5.08 -15.74 -0.91
C SER B 79 -3.60 -15.93 -1.23
N ALA B 80 -2.95 -14.79 -1.49
CA ALA B 80 -1.53 -14.82 -1.76
C ALA B 80 -0.95 -13.53 -1.17
N THR B 81 0.23 -13.65 -0.59
CA THR B 81 0.98 -12.48 -0.13
C THR B 81 2.24 -12.30 -0.95
N THR B 82 2.52 -11.06 -1.34
CA THR B 82 3.81 -10.72 -1.93
C THR B 82 4.52 -9.77 -0.99
N TRP B 83 5.80 -10.05 -0.72
CA TRP B 83 6.64 -9.15 0.06
C TRP B 83 7.61 -8.49 -0.88
N SER B 84 7.73 -7.18 -0.78
CA SER B 84 8.65 -6.37 -1.59
C SER B 84 9.56 -5.62 -0.62
N GLY B 85 10.87 -5.66 -0.83
CA GLY B 85 11.69 -5.02 0.19
C GLY B 85 13.15 -4.95 -0.22
N GLN B 86 13.99 -4.72 0.79
CA GLN B 86 15.42 -4.76 0.53
C GLN B 86 16.13 -5.44 1.67
N TYR B 87 17.18 -6.17 1.26
CA TYR B 87 18.12 -6.85 2.17
C TYR B 87 19.26 -5.88 2.51
N VAL B 88 19.58 -5.77 3.81
CA VAL B 88 20.70 -4.95 4.30
C VAL B 88 21.63 -5.88 5.06
N GLY B 89 22.87 -5.98 4.61
CA GLY B 89 23.79 -6.95 5.20
C GLY B 89 24.45 -6.42 6.46
N GLY B 90 25.37 -7.18 7.01
CA GLY B 90 26.13 -6.74 8.17
C GLY B 90 25.74 -7.50 9.42
N ALA B 91 26.36 -7.12 10.54
CA ALA B 91 26.22 -7.91 11.77
C ALA B 91 24.75 -8.07 12.17
N GLN B 92 23.98 -7.02 11.96
N GLN B 92 23.89 -7.06 11.99
CA GLN B 92 22.53 -7.09 12.25
CA GLN B 92 22.44 -7.12 12.28
C GLN B 92 21.80 -7.08 10.90
C GLN B 92 21.71 -7.11 10.93
N ALA B 93 22.10 -8.04 10.05
CA ALA B 93 21.42 -8.15 8.75
C ALA B 93 19.90 -8.12 8.91
N ARG B 94 19.26 -7.51 7.93
CA ARG B 94 17.81 -7.39 7.99
C ARG B 94 17.26 -7.47 6.57
N ILE B 95 16.03 -8.00 6.46
CA ILE B 95 15.23 -7.78 5.25
C ILE B 95 14.03 -6.95 5.67
N ASN B 96 13.95 -5.74 5.13
CA ASN B 96 12.86 -4.83 5.47
C ASN B 96 11.85 -4.87 4.33
N THR B 97 10.62 -5.24 4.61
CA THR B 97 9.60 -5.45 3.56
C THR B 97 8.31 -4.71 3.86
N GLN B 98 7.59 -4.45 2.79
CA GLN B 98 6.14 -4.23 2.87
C GLN B 98 5.46 -5.32 2.07
N TRP B 99 4.20 -5.61 2.40
CA TRP B 99 3.56 -6.75 1.74
C TRP B 99 2.13 -6.40 1.37
N LEU B 100 1.62 -7.15 0.40
CA LEU B 100 0.24 -7.05 -0.11
C LEU B 100 -0.35 -8.44 -0.05
N LEU B 101 -1.43 -8.59 0.68
CA LEU B 101 -2.10 -9.89 0.83
CA LEU B 101 -2.11 -9.90 0.85
C LEU B 101 -3.46 -9.80 0.15
N THR B 102 -3.61 -10.48 -0.99
CA THR B 102 -4.86 -10.39 -1.75
C THR B 102 -5.63 -11.68 -1.57
N SER B 103 -6.92 -11.57 -1.24
CA SER B 103 -7.80 -12.74 -1.24
C SER B 103 -8.56 -12.81 -2.53
N GLY B 104 -8.87 -14.03 -2.96
CA GLY B 104 -9.91 -14.18 -3.99
C GLY B 104 -11.27 -13.80 -3.43
N THR B 105 -11.98 -12.93 -4.14
CA THR B 105 -13.25 -12.40 -3.65
C THR B 105 -14.28 -12.45 -4.77
N THR B 106 -15.55 -12.26 -4.37
CA THR B 106 -16.57 -11.95 -5.38
C THR B 106 -16.35 -10.54 -5.91
N GLU B 107 -16.94 -10.21 -7.08
CA GLU B 107 -16.67 -8.88 -7.61
C GLU B 107 -17.22 -7.80 -6.67
N ALA B 108 -18.30 -8.12 -5.94
CA ALA B 108 -18.89 -7.19 -4.98
C ALA B 108 -17.98 -6.87 -3.81
N ASN B 109 -17.09 -7.78 -3.41
CA ASN B 109 -16.18 -7.56 -2.30
CA ASN B 109 -16.19 -7.56 -2.30
C ASN B 109 -14.77 -7.25 -2.76
N ALA B 110 -14.55 -7.08 -4.05
CA ALA B 110 -13.18 -6.92 -4.52
C ALA B 110 -12.54 -5.61 -4.05
N TRP B 111 -13.34 -4.60 -3.73
CA TRP B 111 -12.76 -3.36 -3.21
C TRP B 111 -12.02 -3.61 -1.92
N ALA B 112 -12.37 -4.67 -1.20
CA ALA B 112 -11.80 -5.00 0.10
C ALA B 112 -10.91 -6.22 0.02
N SER B 113 -10.37 -6.50 -1.14
CA SER B 113 -9.66 -7.76 -1.33
C SER B 113 -8.27 -7.78 -0.71
N THR B 114 -7.65 -6.63 -0.47
CA THR B 114 -6.20 -6.60 -0.26
C THR B 114 -5.81 -5.93 1.04
N GLU B 115 -4.99 -6.62 1.81
N GLU B 115 -5.04 -6.61 1.86
CA GLU B 115 -4.38 -6.13 3.05
CA GLU B 115 -4.42 -5.95 3.01
C GLU B 115 -2.93 -5.72 2.79
C GLU B 115 -2.98 -5.57 2.67
N VAL B 116 -2.48 -4.63 3.43
CA VAL B 116 -1.11 -4.16 3.30
C VAL B 116 -0.52 -4.10 4.71
N GLY B 117 0.76 -4.47 4.79
CA GLY B 117 1.47 -4.40 6.05
C GLY B 117 2.98 -4.42 5.82
N HIS B 118 3.71 -4.52 6.95
CA HIS B 118 5.17 -4.46 6.83
C HIS B 118 5.77 -5.47 7.81
N ASP B 119 6.75 -6.21 7.31
CA ASP B 119 7.47 -7.23 8.11
C ASP B 119 8.95 -6.92 8.05
N THR B 120 9.63 -7.09 9.19
CA THR B 120 11.08 -6.99 9.22
C THR B 120 11.61 -8.35 9.63
N PHE B 121 12.53 -8.88 8.84
CA PHE B 121 13.12 -10.19 9.09
C PHE B 121 14.54 -10.01 9.57
N THR B 122 14.89 -10.84 10.56
CA THR B 122 16.26 -10.90 11.06
C THR B 122 16.72 -12.35 11.09
N LYS B 123 18.03 -12.56 11.23
CA LYS B 123 18.57 -13.94 11.22
C LYS B 123 18.44 -14.58 12.62
N VAL B 124 18.05 -13.79 13.62
CA VAL B 124 17.84 -14.31 15.00
C VAL B 124 16.40 -14.15 15.49
N LYS B 125 15.92 -15.07 16.33
CA LYS B 125 14.62 -14.96 17.05
C LYS B 125 13.42 -15.03 16.11
N MET C 1 -6.83 33.13 -5.07
CA MET C 1 -7.44 31.81 -4.81
C MET C 1 -6.40 30.72 -5.03
N GLY C 2 -6.67 29.53 -4.51
CA GLY C 2 -5.73 28.46 -4.86
C GLY C 2 -5.93 28.10 -6.32
N ARG C 3 -4.90 27.51 -6.91
CA ARG C 3 -4.97 27.39 -8.36
C ARG C 3 -6.13 26.50 -8.79
N ASP C 4 -6.34 25.38 -8.10
CA ASP C 4 -7.41 24.47 -8.45
C ASP C 4 -8.54 24.49 -7.45
N GLU C 5 -8.62 25.53 -6.62
CA GLU C 5 -9.73 25.64 -5.70
C GLU C 5 -11.07 25.44 -6.41
N ALA C 6 -11.27 26.12 -7.55
CA ALA C 6 -12.55 26.02 -8.24
C ALA C 6 -12.73 24.65 -8.89
N GLY C 7 -11.65 24.06 -9.41
CA GLY C 7 -11.78 22.75 -10.07
C GLY C 7 -12.06 21.62 -9.09
N ILE C 8 -11.55 21.73 -7.86
CA ILE C 8 -11.74 20.63 -6.91
C ILE C 8 -13.07 20.73 -6.20
N THR C 9 -13.50 21.96 -5.88
CA THR C 9 -14.75 22.12 -5.14
C THR C 9 -15.94 21.56 -5.91
N GLY C 10 -16.74 20.75 -5.22
CA GLY C 10 -17.95 20.23 -5.81
C GLY C 10 -18.17 18.78 -5.47
N THR C 11 -19.01 18.14 -6.28
CA THR C 11 -19.43 16.76 -6.05
C THR C 11 -18.67 15.85 -6.99
N TRP C 12 -18.15 14.72 -6.46
CA TRP C 12 -17.38 13.74 -7.22
C TRP C 12 -17.94 12.36 -6.96
N TYR C 13 -17.76 11.48 -7.95
CA TYR C 13 -18.27 10.12 -7.82
C TYR C 13 -17.18 9.13 -8.16
N ASN C 14 -17.08 8.01 -7.43
CA ASN C 14 -16.05 7.06 -7.84
C ASN C 14 -16.67 5.84 -8.51
N GLN C 15 -15.78 4.90 -8.83
CA GLN C 15 -16.18 3.74 -9.63
C GLN C 15 -17.09 2.79 -8.88
N LEU C 16 -17.20 2.91 -7.57
CA LEU C 16 -18.09 2.10 -6.76
C LEU C 16 -19.45 2.75 -6.62
N GLY C 17 -19.60 3.98 -7.09
CA GLY C 17 -20.83 4.73 -6.88
C GLY C 17 -20.86 5.55 -5.61
N SER C 18 -19.73 5.66 -4.90
CA SER C 18 -19.65 6.54 -3.74
C SER C 18 -19.63 8.02 -4.16
N THR C 19 -20.07 8.88 -3.26
CA THR C 19 -20.20 10.32 -3.49
C THR C 19 -19.33 11.10 -2.53
N PHE C 20 -18.51 11.98 -3.07
CA PHE C 20 -17.49 12.72 -2.34
C PHE C 20 -17.85 14.19 -2.59
N ILE C 21 -18.32 14.89 -1.55
CA ILE C 21 -18.68 16.31 -1.67
C ILE C 21 -17.64 17.14 -0.91
N VAL C 22 -16.97 18.06 -1.60
CA VAL C 22 -15.82 18.72 -1.01
C VAL C 22 -15.81 20.20 -1.32
N THR C 23 -15.34 21.00 -0.36
CA THR C 23 -15.01 22.41 -0.60
C THR C 23 -13.52 22.60 -0.40
N ALA C 24 -12.85 23.16 -1.40
CA ALA C 24 -11.44 23.50 -1.26
C ALA C 24 -11.30 24.96 -0.83
N GLY C 25 -10.54 25.18 0.23
CA GLY C 25 -10.27 26.54 0.71
C GLY C 25 -9.02 27.14 0.05
N ALA C 26 -8.90 28.47 0.02
CA ALA C 26 -7.79 29.09 -0.73
C ALA C 26 -6.43 28.74 -0.17
N ASP C 27 -6.38 28.32 1.09
CA ASP C 27 -5.08 28.07 1.76
C ASP C 27 -4.65 26.61 1.61
N GLY C 28 -5.55 25.72 1.20
CA GLY C 28 -5.14 24.31 1.18
C GLY C 28 -6.13 23.39 1.88
N ALA C 29 -7.15 23.94 2.54
CA ALA C 29 -8.08 23.09 3.27
C ALA C 29 -9.05 22.36 2.36
N LEU C 30 -9.38 21.11 2.74
CA LEU C 30 -10.52 20.38 2.14
C LEU C 30 -11.47 20.03 3.27
N THR C 31 -12.75 20.31 3.05
CA THR C 31 -13.79 19.93 4.01
C THR C 31 -14.98 19.42 3.23
N GLY C 32 -15.71 18.47 3.80
CA GLY C 32 -16.89 17.98 3.11
C GLY C 32 -17.48 16.75 3.74
N THR C 33 -18.17 15.97 2.91
CA THR C 33 -18.80 14.72 3.36
C THR C 33 -18.54 13.63 2.35
N TYR C 34 -18.60 12.38 2.83
CA TYR C 34 -18.37 11.23 1.97
C TYR C 34 -19.51 10.27 2.25
N GLU C 35 -20.03 9.68 1.18
CA GLU C 35 -21.06 8.65 1.30
C GLU C 35 -20.57 7.44 0.53
N SER C 36 -20.34 6.31 1.22
CA SER C 36 -19.81 5.12 0.54
C SER C 36 -20.93 4.25 0.04
N ALA C 37 -20.81 3.79 -1.19
CA ALA C 37 -21.78 2.83 -1.74
C ALA C 37 -21.56 1.41 -1.22
N VAL C 38 -20.44 1.16 -0.52
CA VAL C 38 -20.09 -0.20 -0.11
C VAL C 38 -19.59 -0.19 1.33
N GLY C 39 -19.54 -1.38 1.90
CA GLY C 39 -18.97 -1.54 3.23
C GLY C 39 -19.93 -1.21 4.35
N ASN C 40 -19.34 -1.09 5.55
CA ASN C 40 -20.13 -0.87 6.78
C ASN C 40 -20.31 0.64 6.95
N ALA C 41 -21.27 1.17 6.21
CA ALA C 41 -21.42 2.61 6.08
C ALA C 41 -22.85 2.92 5.66
N GLU C 42 -23.38 4.03 6.19
CA GLU C 42 -24.71 4.53 5.79
C GLU C 42 -24.70 6.07 5.83
N SER C 43 -25.25 6.65 4.82
N SER C 43 -25.29 6.64 4.85
CA SER C 43 -25.40 8.10 4.73
CA SER C 43 -25.39 8.09 4.91
C SER C 43 -24.04 8.80 4.68
C SER C 43 -24.01 8.72 4.95
N ARG C 44 -23.97 10.01 5.20
CA ARG C 44 -22.76 10.82 5.04
C ARG C 44 -21.87 10.81 6.28
N TYR C 45 -20.56 10.95 6.01
CA TYR C 45 -19.55 11.03 7.06
C TYR C 45 -18.71 12.25 6.80
N VAL C 46 -18.26 12.88 7.89
CA VAL C 46 -17.40 14.04 7.78
C VAL C 46 -16.06 13.67 7.15
N LEU C 47 -15.57 14.53 6.26
CA LEU C 47 -14.17 14.37 5.82
C LEU C 47 -13.43 15.68 5.97
N THR C 48 -12.12 15.58 6.24
N THR C 48 -12.11 15.54 6.07
CA THR C 48 -11.24 16.75 6.09
CA THR C 48 -11.26 16.72 6.08
C THR C 48 -9.98 16.33 5.35
C THR C 48 -9.93 16.34 5.47
N GLY C 49 -9.28 17.30 4.79
CA GLY C 49 -8.03 17.00 4.13
C GLY C 49 -7.28 18.24 3.74
N ARG C 50 -6.32 18.03 2.86
CA ARG C 50 -5.47 19.12 2.39
C ARG C 50 -5.13 18.92 0.93
N TYR C 51 -4.85 20.04 0.27
CA TYR C 51 -4.41 19.97 -1.14
C TYR C 51 -3.33 21.03 -1.38
N ASP C 52 -2.49 20.76 -2.38
CA ASP C 52 -1.48 21.75 -2.79
C ASP C 52 -2.19 22.91 -3.50
N SER C 53 -2.22 24.08 -2.86
CA SER C 53 -2.93 25.23 -3.44
C SER C 53 -2.06 26.04 -4.42
N ALA C 54 -0.85 25.60 -4.69
CA ALA C 54 0.01 26.26 -5.70
C ALA C 54 0.78 25.18 -6.43
N PRO C 55 0.11 24.35 -7.23
CA PRO C 55 0.80 23.25 -7.91
C PRO C 55 1.73 23.73 -9.00
N ALA C 56 2.54 22.80 -9.47
CA ALA C 56 3.45 23.08 -10.59
C ALA C 56 2.63 23.45 -11.82
N THR C 57 3.23 24.29 -12.67
CA THR C 57 2.55 24.75 -13.88
C THR C 57 3.10 24.09 -15.13
N ASP C 58 3.63 22.87 -14.98
CA ASP C 58 4.21 22.10 -16.07
C ASP C 58 3.28 20.98 -16.57
N GLY C 59 1.98 21.10 -16.32
CA GLY C 59 1.03 20.05 -16.68
C GLY C 59 0.88 18.96 -15.64
N SER C 60 1.61 19.05 -14.53
CA SER C 60 1.46 18.08 -13.46
C SER C 60 0.10 18.20 -12.79
N GLY C 61 -0.32 17.10 -12.17
CA GLY C 61 -1.49 17.10 -11.33
C GLY C 61 -1.23 17.81 -9.98
N THR C 62 -2.30 17.84 -9.18
CA THR C 62 -2.36 18.62 -7.94
C THR C 62 -2.49 17.60 -6.82
N ALA C 63 -1.46 17.48 -5.98
CA ALA C 63 -1.52 16.50 -4.90
C ALA C 63 -2.57 16.87 -3.84
N LEU C 64 -3.23 15.84 -3.26
CA LEU C 64 -4.18 16.11 -2.19
C LEU C 64 -4.43 14.80 -1.43
N GLY C 65 -5.08 14.94 -0.27
CA GLY C 65 -5.51 13.76 0.45
C GLY C 65 -6.59 14.14 1.41
N TRP C 66 -7.33 13.14 1.86
CA TRP C 66 -8.36 13.41 2.88
C TRP C 66 -8.61 12.14 3.69
N THR C 67 -9.31 12.32 4.80
CA THR C 67 -9.63 11.26 5.76
C THR C 67 -11.11 11.25 6.06
N VAL C 68 -11.67 10.04 6.16
CA VAL C 68 -12.99 9.80 6.77
C VAL C 68 -12.79 8.82 7.91
N ALA C 69 -13.32 9.14 9.10
CA ALA C 69 -13.47 8.13 10.16
C ALA C 69 -14.92 7.64 10.07
N TRP C 70 -15.10 6.33 10.07
CA TRP C 70 -16.40 5.76 9.72
C TRP C 70 -17.35 5.71 10.91
N LYS C 71 -17.49 6.84 11.57
CA LYS C 71 -18.46 7.01 12.64
C LYS C 71 -19.36 8.18 12.26
N ASN C 72 -20.67 7.95 12.36
CA ASN C 72 -21.62 9.05 12.20
C ASN C 72 -22.80 8.71 13.12
N ASN C 73 -23.94 9.38 12.92
CA ASN C 73 -25.03 9.15 13.87
C ASN C 73 -25.72 7.82 13.66
N TYR C 74 -25.44 7.15 12.55
CA TYR C 74 -26.09 5.89 12.22
C TYR C 74 -25.25 4.67 12.53
N ARG C 75 -23.94 4.74 12.37
CA ARG C 75 -23.10 3.55 12.41
C ARG C 75 -21.71 3.94 12.87
N ASN C 76 -21.01 2.97 13.45
CA ASN C 76 -19.60 3.17 13.74
C ASN C 76 -18.88 1.89 13.33
N ALA C 77 -18.08 1.97 12.25
CA ALA C 77 -17.34 0.82 11.74
C ALA C 77 -15.91 0.74 12.32
N HIS C 78 -15.61 1.55 13.31
CA HIS C 78 -14.32 1.53 14.02
C HIS C 78 -13.14 1.45 13.05
N SER C 79 -13.12 2.41 12.12
CA SER C 79 -12.13 2.37 11.06
C SER C 79 -12.04 3.75 10.45
N ALA C 80 -10.98 3.98 9.68
CA ALA C 80 -10.81 5.26 9.03
C ALA C 80 -10.12 4.96 7.68
N THR C 81 -10.52 5.68 6.64
CA THR C 81 -9.86 5.60 5.34
C THR C 81 -9.21 6.92 5.03
N THR C 82 -7.95 6.86 4.55
CA THR C 82 -7.30 8.04 3.98
C THR C 82 -7.08 7.82 2.50
N TRP C 83 -7.47 8.80 1.70
CA TRP C 83 -7.21 8.76 0.26
C TRP C 83 -6.08 9.72 -0.03
N SER C 84 -5.13 9.29 -0.83
CA SER C 84 -3.97 10.08 -1.22
C SER C 84 -3.90 10.06 -2.73
N GLY C 85 -3.78 11.20 -3.38
CA GLY C 85 -3.85 11.15 -4.84
C GLY C 85 -3.55 12.50 -5.47
N GLN C 86 -3.97 12.61 -6.74
CA GLN C 86 -3.82 13.90 -7.41
C GLN C 86 -5.03 14.18 -8.26
N TYR C 87 -5.35 15.48 -8.32
CA TYR C 87 -6.40 16.05 -9.14
C TYR C 87 -5.79 16.42 -10.49
N VAL C 88 -6.50 16.03 -11.57
CA VAL C 88 -6.10 16.35 -12.96
C VAL C 88 -7.29 17.09 -13.56
N GLY C 89 -7.08 18.34 -13.99
CA GLY C 89 -8.19 19.17 -14.43
C GLY C 89 -8.51 18.92 -15.90
N GLY C 90 -9.43 19.71 -16.43
CA GLY C 90 -9.75 19.64 -17.84
C GLY C 90 -11.11 19.00 -18.09
N ALA C 91 -11.43 18.76 -19.36
CA ALA C 91 -12.80 18.34 -19.73
C ALA C 91 -13.24 17.10 -18.98
N GLN C 92 -12.34 16.14 -18.86
CA GLN C 92 -12.65 14.91 -18.11
C GLN C 92 -11.81 14.95 -16.82
N ALA C 93 -12.05 15.98 -16.02
CA ALA C 93 -11.35 16.09 -14.72
C ALA C 93 -11.45 14.79 -13.92
N ARG C 94 -10.38 14.50 -13.21
CA ARG C 94 -10.35 13.25 -12.42
C ARG C 94 -9.57 13.51 -11.14
N ILE C 95 -9.94 12.78 -10.09
CA ILE C 95 -9.07 12.66 -8.91
C ILE C 95 -8.69 11.20 -8.85
N ASN C 96 -7.40 10.91 -9.04
CA ASN C 96 -6.90 9.55 -9.03
C ASN C 96 -6.28 9.29 -7.66
N THR C 97 -6.78 8.30 -6.93
CA THR C 97 -6.33 8.08 -5.54
C THR C 97 -5.93 6.63 -5.30
N GLN C 98 -5.10 6.48 -4.28
CA GLN C 98 -5.00 5.18 -3.59
C GLN C 98 -5.39 5.42 -2.14
N TRP C 99 -5.84 4.38 -1.45
CA TRP C 99 -6.36 4.61 -0.10
C TRP C 99 -5.91 3.51 0.84
N LEU C 100 -5.92 3.87 2.12
CA LEU C 100 -5.58 2.96 3.22
C LEU C 100 -6.73 2.98 4.21
N LEU C 101 -7.32 1.83 4.46
CA LEU C 101 -8.45 1.71 5.39
CA LEU C 101 -8.46 1.68 5.38
C LEU C 101 -7.99 0.91 6.60
N THR C 102 -7.85 1.57 7.74
CA THR C 102 -7.34 0.90 8.95
C THR C 102 -8.50 0.70 9.90
N SER C 103 -8.61 -0.52 10.45
CA SER C 103 -9.59 -0.80 11.51
C SER C 103 -8.87 -0.78 12.85
N GLY C 104 -9.60 -0.34 13.87
CA GLY C 104 -9.12 -0.59 15.25
C GLY C 104 -9.16 -2.08 15.51
N THR C 105 -8.05 -2.64 16.00
CA THR C 105 -7.97 -4.09 16.19
C THR C 105 -7.37 -4.39 17.56
N THR C 106 -7.48 -5.67 17.94
CA THR C 106 -6.68 -6.12 19.06
C THR C 106 -5.23 -6.25 18.65
N GLU C 107 -4.32 -6.46 19.60
CA GLU C 107 -2.89 -6.50 19.19
C GLU C 107 -2.69 -7.79 18.37
N ALA C 108 -3.43 -8.86 18.69
CA ALA C 108 -3.23 -10.10 17.96
C ALA C 108 -3.62 -9.97 16.51
N ASN C 109 -4.52 -9.06 16.17
CA ASN C 109 -5.02 -8.93 14.80
CA ASN C 109 -5.03 -8.93 14.81
C ASN C 109 -4.46 -7.71 14.09
N ALA C 110 -3.53 -7.02 14.72
CA ALA C 110 -3.09 -5.74 14.12
C ALA C 110 -2.32 -5.94 12.84
N TRP C 111 -1.71 -7.11 12.62
CA TRP C 111 -1.01 -7.35 11.36
C TRP C 111 -1.99 -7.25 10.18
N ALA C 112 -3.27 -7.48 10.45
CA ALA C 112 -4.30 -7.52 9.40
C ALA C 112 -5.22 -6.31 9.51
N SER C 113 -4.73 -5.22 10.05
CA SER C 113 -5.63 -4.10 10.33
C SER C 113 -5.98 -3.26 9.11
N THR C 114 -5.19 -3.33 8.03
CA THR C 114 -5.26 -2.27 7.02
C THR C 114 -5.51 -2.85 5.64
N GLU C 115 -6.53 -2.33 5.00
CA GLU C 115 -6.75 -2.64 3.55
CA GLU C 115 -6.78 -2.62 3.56
C GLU C 115 -6.25 -1.47 2.67
N VAL C 116 -5.81 -1.84 1.48
CA VAL C 116 -5.36 -0.86 0.49
C VAL C 116 -6.14 -1.06 -0.80
N GLY C 117 -6.46 0.05 -1.45
CA GLY C 117 -7.19 0.03 -2.71
C GLY C 117 -6.99 1.33 -3.46
N HIS C 118 -7.73 1.44 -4.59
CA HIS C 118 -7.57 2.62 -5.42
C HIS C 118 -8.96 3.03 -5.92
N ASP C 119 -9.21 4.33 -5.84
CA ASP C 119 -10.49 4.90 -6.31
C ASP C 119 -10.20 5.99 -7.33
N THR C 120 -10.98 6.05 -8.40
CA THR C 120 -10.92 7.17 -9.34
C THR C 120 -12.23 7.91 -9.27
N PHE C 121 -12.15 9.22 -9.08
CA PHE C 121 -13.33 10.09 -8.96
C PHE C 121 -13.47 10.92 -10.21
N THR C 122 -14.72 11.02 -10.68
CA THR C 122 -15.04 11.89 -11.80
C THR C 122 -16.19 12.79 -11.42
N LYS C 123 -16.38 13.86 -12.22
CA LYS C 123 -17.48 14.78 -11.92
C LYS C 123 -18.83 14.28 -12.44
N VAL C 124 -18.83 13.18 -13.18
CA VAL C 124 -20.09 12.58 -13.71
C VAL C 124 -20.28 11.14 -13.20
N LYS C 125 -21.53 10.71 -13.01
CA LYS C 125 -21.90 9.30 -12.73
C LYS C 125 -21.32 8.80 -11.42
N MET D 1 -3.95 -30.79 -12.50
CA MET D 1 -4.33 -29.57 -13.23
C MET D 1 -4.92 -28.48 -12.33
N GLY D 2 -4.26 -27.33 -12.24
CA GLY D 2 -4.85 -26.21 -11.50
C GLY D 2 -6.14 -25.75 -12.14
N ARG D 3 -7.07 -25.27 -11.30
CA ARG D 3 -8.41 -24.96 -11.80
C ARG D 3 -8.36 -23.90 -12.89
N ASP D 4 -7.55 -22.86 -12.68
CA ASP D 4 -7.37 -21.80 -13.66
C ASP D 4 -6.00 -21.89 -14.33
N GLU D 5 -5.35 -23.05 -14.28
CA GLU D 5 -4.11 -23.20 -15.00
C GLU D 5 -4.25 -22.74 -16.45
N ALA D 6 -5.30 -23.21 -17.16
CA ALA D 6 -5.43 -22.86 -18.57
C ALA D 6 -5.79 -21.39 -18.76
N GLY D 7 -6.61 -20.85 -17.84
CA GLY D 7 -7.04 -19.47 -18.01
C GLY D 7 -5.91 -18.47 -17.75
N ILE D 8 -4.99 -18.81 -16.84
CA ILE D 8 -3.95 -17.84 -16.54
C ILE D 8 -2.80 -17.91 -17.52
N THR D 9 -2.47 -19.10 -17.99
CA THR D 9 -1.33 -19.24 -18.88
C THR D 9 -1.54 -18.44 -20.16
N GLY D 10 -0.53 -17.67 -20.53
CA GLY D 10 -0.55 -16.96 -21.79
C GLY D 10 0.01 -15.58 -21.64
N THR D 11 -0.37 -14.74 -22.60
CA THR D 11 0.15 -13.38 -22.68
C THR D 11 -0.90 -12.42 -22.20
N TRP D 12 -0.47 -11.45 -21.36
CA TRP D 12 -1.36 -10.45 -20.79
C TRP D 12 -0.78 -9.07 -20.99
N TYR D 13 -1.64 -8.05 -21.05
CA TYR D 13 -1.23 -6.69 -21.26
C TYR D 13 -1.87 -5.77 -20.23
N ASN D 14 -1.12 -4.80 -19.69
CA ASN D 14 -1.80 -3.93 -18.75
C ASN D 14 -2.06 -2.55 -19.37
N GLN D 15 -2.56 -1.65 -18.54
CA GLN D 15 -3.03 -0.35 -19.03
C GLN D 15 -1.91 0.57 -19.47
N LEU D 16 -0.67 0.27 -19.12
CA LEU D 16 0.50 1.02 -19.49
C LEU D 16 1.08 0.53 -20.80
N GLY D 17 0.57 -0.58 -21.30
CA GLY D 17 1.15 -1.24 -22.46
C GLY D 17 2.25 -2.25 -22.16
N SER D 18 2.47 -2.59 -20.89
CA SER D 18 3.41 -3.65 -20.52
C SER D 18 2.86 -5.03 -20.88
N THR D 19 3.77 -5.97 -21.09
CA THR D 19 3.48 -7.33 -21.54
C THR D 19 3.95 -8.32 -20.50
N PHE D 20 3.02 -9.19 -20.06
CA PHE D 20 3.24 -10.16 -18.98
C PHE D 20 2.99 -11.53 -19.62
N ILE D 21 4.04 -12.33 -19.79
CA ILE D 21 3.95 -13.66 -20.39
C ILE D 21 4.17 -14.69 -19.27
N VAL D 22 3.20 -15.58 -19.05
CA VAL D 22 3.25 -16.44 -17.88
C VAL D 22 2.81 -17.84 -18.21
N THR D 23 3.44 -18.81 -17.53
CA THR D 23 2.95 -20.18 -17.53
C THR D 23 2.56 -20.57 -16.11
N ALA D 24 1.37 -21.12 -15.95
CA ALA D 24 0.89 -21.56 -14.65
C ALA D 24 1.07 -23.08 -14.57
N GLY D 25 1.71 -23.54 -13.51
CA GLY D 25 1.91 -24.97 -13.31
C GLY D 25 0.77 -25.58 -12.49
N ALA D 26 0.59 -26.89 -12.59
CA ALA D 26 -0.55 -27.53 -11.90
C ALA D 26 -0.48 -27.41 -10.38
N ASP D 27 0.72 -27.20 -9.84
CA ASP D 27 0.89 -27.18 -8.35
C ASP D 27 0.67 -25.77 -7.79
N GLY D 28 0.73 -24.74 -8.64
CA GLY D 28 0.65 -23.39 -8.09
C GLY D 28 1.78 -22.51 -8.61
N ALA D 29 2.71 -23.04 -9.40
CA ALA D 29 3.82 -22.17 -9.83
C ALA D 29 3.41 -21.21 -10.95
N LEU D 30 4.03 -20.02 -10.95
CA LEU D 30 3.99 -19.11 -12.10
C LEU D 30 5.42 -18.84 -12.52
N THR D 31 5.67 -18.91 -13.82
CA THR D 31 6.99 -18.59 -14.38
C THR D 31 6.77 -17.85 -15.69
N GLY D 32 7.67 -16.94 -16.04
CA GLY D 32 7.49 -16.23 -17.30
C GLY D 32 8.42 -15.05 -17.42
N THR D 33 8.00 -14.11 -18.24
CA THR D 33 8.78 -12.88 -18.47
C THR D 33 7.85 -11.66 -18.41
N TYR D 34 8.46 -10.52 -18.10
CA TYR D 34 7.71 -9.26 -18.00
C TYR D 34 8.48 -8.24 -18.80
N GLU D 35 7.76 -7.45 -19.56
CA GLU D 35 8.36 -6.36 -20.33
C GLU D 35 7.57 -5.11 -19.95
N SER D 36 8.26 -4.13 -19.32
CA SER D 36 7.57 -2.91 -18.90
C SER D 36 7.62 -1.85 -20.00
N ALA D 37 6.48 -1.22 -20.24
CA ALA D 37 6.46 -0.09 -21.20
C ALA D 37 6.98 1.20 -20.60
N VAL D 38 7.20 1.24 -19.27
CA VAL D 38 7.59 2.46 -18.59
C VAL D 38 8.75 2.17 -17.62
N GLY D 39 9.40 3.26 -17.21
CA GLY D 39 10.40 3.14 -16.16
C GLY D 39 11.78 2.74 -16.70
N ASN D 40 12.65 2.39 -15.77
CA ASN D 40 14.05 2.10 -16.09
C ASN D 40 14.13 0.62 -16.42
N ALA D 41 13.73 0.30 -17.65
CA ALA D 41 13.53 -1.08 -18.06
C ALA D 41 13.63 -1.16 -19.56
N GLU D 42 14.20 -2.27 -20.01
CA GLU D 42 14.31 -2.55 -21.45
C GLU D 42 14.21 -4.06 -21.66
N SER D 43 13.40 -4.46 -22.63
CA SER D 43 13.26 -5.86 -23.00
C SER D 43 12.68 -6.68 -21.84
N ARG D 44 12.93 -7.98 -21.83
CA ARG D 44 12.23 -8.87 -20.89
C ARG D 44 13.03 -9.14 -19.63
N TYR D 45 12.29 -9.36 -18.53
CA TYR D 45 12.85 -9.71 -17.23
C TYR D 45 12.18 -10.99 -16.76
N VAL D 46 12.95 -11.80 -16.02
CA VAL D 46 12.44 -13.03 -15.44
C VAL D 46 11.37 -12.71 -14.40
N LEU D 47 10.30 -13.48 -14.41
CA LEU D 47 9.37 -13.40 -13.27
C LEU D 47 9.07 -14.78 -12.73
N THR D 48 8.75 -14.82 -11.43
CA THR D 48 8.26 -16.03 -10.82
C THR D 48 7.21 -15.69 -9.79
N GLY D 49 6.27 -16.61 -9.56
CA GLY D 49 5.28 -16.35 -8.53
C GLY D 49 4.47 -17.57 -8.24
N ARG D 50 3.31 -17.33 -7.62
CA ARG D 50 2.46 -18.45 -7.19
C ARG D 50 1.00 -18.06 -7.37
N TYR D 51 0.14 -19.07 -7.52
CA TYR D 51 -1.29 -18.82 -7.59
C TYR D 51 -2.02 -19.93 -6.83
N ASP D 52 -3.26 -19.62 -6.42
CA ASP D 52 -4.12 -20.64 -5.77
C ASP D 52 -4.64 -21.59 -6.82
N SER D 53 -4.13 -22.83 -6.80
CA SER D 53 -4.50 -23.82 -7.82
C SER D 53 -5.81 -24.53 -7.51
N ALA D 54 -6.50 -24.18 -6.44
CA ALA D 54 -7.80 -24.76 -6.10
C ALA D 54 -8.67 -23.68 -5.49
N PRO D 55 -9.08 -22.68 -6.29
CA PRO D 55 -9.83 -21.55 -5.75
C PRO D 55 -11.23 -21.94 -5.33
N ALA D 56 -11.88 -21.04 -4.60
CA ALA D 56 -13.26 -21.27 -4.21
C ALA D 56 -14.14 -21.34 -5.45
N THR D 57 -15.24 -22.08 -5.33
CA THR D 57 -16.16 -22.35 -6.44
C THR D 57 -17.37 -21.42 -6.43
N ASP D 58 -17.37 -20.41 -5.57
CA ASP D 58 -18.51 -19.54 -5.30
C ASP D 58 -18.51 -18.25 -6.14
N GLY D 59 -17.83 -18.25 -7.30
CA GLY D 59 -17.70 -17.06 -8.11
C GLY D 59 -16.54 -16.14 -7.72
N SER D 60 -15.79 -16.50 -6.68
CA SER D 60 -14.64 -15.70 -6.28
C SER D 60 -13.55 -15.77 -7.33
N GLY D 61 -12.71 -14.74 -7.35
CA GLY D 61 -11.50 -14.76 -8.12
C GLY D 61 -10.43 -15.71 -7.50
N THR D 62 -9.30 -15.75 -8.21
CA THR D 62 -8.19 -16.68 -7.95
C THR D 62 -7.00 -15.83 -7.51
N ALA D 63 -6.61 -15.96 -6.23
CA ALA D 63 -5.49 -15.14 -5.75
C ALA D 63 -4.15 -15.56 -6.37
N LEU D 64 -3.27 -14.57 -6.62
CA LEU D 64 -1.97 -14.89 -7.18
C LEU D 64 -1.04 -13.68 -6.94
N GLY D 65 0.25 -13.93 -7.15
CA GLY D 65 1.23 -12.87 -7.06
C GLY D 65 2.46 -13.28 -7.82
N TRP D 66 3.25 -12.29 -8.17
CA TRP D 66 4.57 -12.58 -8.77
C TRP D 66 5.53 -11.43 -8.55
N THR D 67 6.81 -11.73 -8.81
CA THR D 67 7.92 -10.79 -8.61
C THR D 67 8.73 -10.66 -9.87
N VAL D 68 9.16 -9.41 -10.13
CA VAL D 68 10.24 -9.14 -11.10
C VAL D 68 11.33 -8.38 -10.39
N ALA D 69 12.59 -8.83 -10.49
CA ALA D 69 13.73 -7.98 -10.11
C ALA D 69 14.25 -7.34 -11.38
N TRP D 70 14.43 -6.03 -11.34
CA TRP D 70 14.66 -5.28 -12.58
C TRP D 70 16.12 -5.30 -13.04
N LYS D 71 16.69 -6.51 -13.10
CA LYS D 71 18.02 -6.74 -13.67
C LYS D 71 17.88 -7.73 -14.80
N ASN D 72 18.46 -7.38 -15.94
CA ASN D 72 18.57 -8.32 -17.05
C ASN D 72 19.92 -8.02 -17.73
N ASN D 73 20.09 -8.53 -18.95
CA ASN D 73 21.41 -8.33 -19.58
C ASN D 73 21.61 -6.91 -20.08
N TYR D 74 20.54 -6.12 -20.13
CA TYR D 74 20.59 -4.76 -20.67
C TYR D 74 20.69 -3.70 -19.59
N ARG D 75 20.04 -3.90 -18.46
CA ARG D 75 19.89 -2.81 -17.48
C ARG D 75 19.76 -3.41 -16.09
N ASN D 76 20.13 -2.62 -15.10
CA ASN D 76 19.85 -3.01 -13.72
C ASN D 76 19.35 -1.77 -12.98
N ALA D 77 18.05 -1.78 -12.64
CA ALA D 77 17.42 -0.64 -11.97
C ALA D 77 17.41 -0.81 -10.45
N HIS D 78 18.11 -1.79 -9.94
CA HIS D 78 18.30 -2.00 -8.49
C HIS D 78 16.97 -1.87 -7.76
N SER D 79 16.01 -2.68 -8.22
CA SER D 79 14.66 -2.60 -7.66
C SER D 79 13.92 -3.87 -8.01
N ALA D 80 12.78 -4.04 -7.35
CA ALA D 80 11.98 -5.24 -7.61
C ALA D 80 10.52 -4.82 -7.42
N THR D 81 9.65 -5.35 -8.28
CA THR D 81 8.21 -5.15 -8.11
C THR D 81 7.56 -6.46 -7.81
N THR D 82 6.60 -6.43 -6.86
CA THR D 82 5.73 -7.58 -6.62
C THR D 82 4.30 -7.14 -6.90
N TRP D 83 3.60 -7.95 -7.71
CA TRP D 83 2.19 -7.73 -7.97
C TRP D 83 1.41 -8.74 -7.18
N SER D 84 0.38 -8.30 -6.47
CA SER D 84 -0.51 -9.15 -5.68
C SER D 84 -1.92 -8.91 -6.17
N GLY D 85 -2.68 -9.96 -6.47
CA GLY D 85 -3.99 -9.66 -7.08
C GLY D 85 -4.85 -10.90 -7.22
N GLN D 86 -5.85 -10.77 -8.09
CA GLN D 86 -6.66 -11.94 -8.37
C GLN D 86 -7.01 -11.97 -9.83
N TYR D 87 -7.07 -13.20 -10.32
CA TYR D 87 -7.50 -13.51 -11.68
C TYR D 87 -9.02 -13.75 -11.69
N VAL D 88 -9.71 -13.14 -12.66
CA VAL D 88 -11.17 -13.32 -12.82
C VAL D 88 -11.38 -13.82 -14.24
N GLY D 89 -11.96 -15.00 -14.39
CA GLY D 89 -12.09 -15.61 -15.71
C GLY D 89 -13.29 -15.08 -16.47
N GLY D 90 -13.52 -15.67 -17.64
CA GLY D 90 -14.69 -15.32 -18.44
C GLY D 90 -14.31 -14.58 -19.70
N ALA D 91 -15.31 -14.09 -20.42
CA ALA D 91 -15.05 -13.53 -21.77
C ALA D 91 -14.14 -12.33 -21.71
N GLN D 92 -14.28 -11.55 -20.65
CA GLN D 92 -13.39 -10.39 -20.45
C GLN D 92 -12.50 -10.71 -19.23
N ALA D 93 -11.75 -11.81 -19.33
CA ALA D 93 -10.84 -12.21 -18.24
C ALA D 93 -9.91 -11.06 -17.85
N ARG D 94 -9.61 -11.01 -16.56
CA ARG D 94 -8.76 -9.92 -16.10
C ARG D 94 -7.90 -10.44 -14.96
N ILE D 95 -6.72 -9.83 -14.81
CA ILE D 95 -5.94 -9.98 -13.55
C ILE D 95 -5.87 -8.58 -12.96
N ASN D 96 -6.52 -8.40 -11.81
CA ASN D 96 -6.55 -7.11 -11.14
C ASN D 96 -5.49 -7.16 -10.03
N THR D 97 -4.54 -6.24 -10.09
CA THR D 97 -3.41 -6.25 -9.14
C THR D 97 -3.20 -4.91 -8.46
N GLN D 98 -2.55 -5.01 -7.31
CA GLN D 98 -1.80 -3.86 -6.77
C GLN D 98 -0.35 -4.27 -6.64
N TRP D 99 0.55 -3.32 -6.67
CA TRP D 99 1.97 -3.69 -6.70
C TRP D 99 2.78 -2.80 -5.79
N LEU D 100 3.95 -3.33 -5.40
CA LEU D 100 4.92 -2.63 -4.55
C LEU D 100 6.25 -2.71 -5.26
N LEU D 101 6.84 -1.56 -5.53
CA LEU D 101 8.12 -1.48 -6.23
CA LEU D 101 8.12 -1.45 -6.25
C LEU D 101 9.14 -0.92 -5.24
N THR D 102 10.07 -1.78 -4.80
CA THR D 102 11.05 -1.34 -3.81
C THR D 102 12.39 -1.17 -4.50
N SER D 103 13.05 -0.02 -4.24
CA SER D 103 14.42 0.16 -4.70
C SER D 103 15.39 -0.13 -3.56
N GLY D 104 16.57 -0.62 -3.93
CA GLY D 104 17.67 -0.61 -2.94
C GLY D 104 18.11 0.82 -2.69
N THR D 105 18.20 1.20 -1.41
CA THR D 105 18.50 2.57 -1.03
C THR D 105 19.55 2.56 0.07
N THR D 106 20.12 3.75 0.31
CA THR D 106 20.89 3.95 1.55
C THR D 106 19.93 3.99 2.74
N GLU D 107 20.45 3.81 3.97
CA GLU D 107 19.52 3.78 5.09
C GLU D 107 18.85 5.16 5.25
N ALA D 108 19.54 6.23 4.86
CA ALA D 108 18.97 7.58 4.90
C ALA D 108 17.77 7.76 3.98
N ASN D 109 17.71 7.05 2.86
CA ASN D 109 16.64 7.21 1.88
C ASN D 109 15.61 6.08 1.98
N ALA D 110 15.76 5.19 2.98
CA ALA D 110 14.95 3.99 2.99
C ALA D 110 13.47 4.30 3.24
N TRP D 111 13.16 5.39 3.94
CA TRP D 111 11.75 5.78 4.15
C TRP D 111 11.04 5.95 2.82
N ALA D 112 11.79 6.24 1.76
CA ALA D 112 11.21 6.56 0.45
C ALA D 112 11.50 5.45 -0.55
N SER D 113 11.77 4.25 -0.07
CA SER D 113 12.24 3.19 -0.97
C SER D 113 11.15 2.59 -1.86
N THR D 114 9.87 2.75 -1.50
CA THR D 114 8.85 1.87 -2.07
C THR D 114 7.71 2.66 -2.72
N GLU D 115 7.43 2.38 -3.99
CA GLU D 115 6.22 2.93 -4.58
CA GLU D 115 6.26 2.89 -4.69
C GLU D 115 5.13 1.86 -4.63
N VAL D 116 3.89 2.35 -4.66
CA VAL D 116 2.73 1.49 -4.72
C VAL D 116 1.85 1.96 -5.87
N GLY D 117 1.24 0.99 -6.57
CA GLY D 117 0.33 1.30 -7.67
C GLY D 117 -0.55 0.10 -7.97
N HIS D 118 -1.32 0.25 -9.08
CA HIS D 118 -2.27 -0.79 -9.41
C HIS D 118 -2.24 -0.97 -10.92
N ASP D 119 -2.22 -2.24 -11.33
CA ASP D 119 -2.24 -2.57 -12.77
C ASP D 119 -3.39 -3.54 -13.02
N THR D 120 -4.07 -3.36 -14.15
CA THR D 120 -5.08 -4.33 -14.58
C THR D 120 -4.64 -4.93 -15.90
N PHE D 121 -4.61 -6.25 -15.93
CA PHE D 121 -4.12 -6.98 -17.11
C PHE D 121 -5.31 -7.60 -17.82
N THR D 122 -5.29 -7.51 -19.15
N THR D 122 -5.26 -7.51 -19.15
CA THR D 122 -6.31 -8.19 -19.94
CA THR D 122 -6.24 -8.09 -20.05
C THR D 122 -5.62 -8.96 -21.06
C THR D 122 -5.55 -9.14 -20.93
N LYS D 123 -6.38 -9.90 -21.66
CA LYS D 123 -5.83 -10.74 -22.73
C LYS D 123 -5.70 -10.01 -24.09
N VAL D 124 -6.30 -8.84 -24.20
CA VAL D 124 -6.21 -8.05 -25.46
C VAL D 124 -5.59 -6.67 -25.23
N LYS D 125 -4.86 -6.14 -26.22
CA LYS D 125 -4.36 -4.75 -26.24
C LYS D 125 -3.36 -4.48 -25.12
C4 A1BLH E . 4.91 -1.41 -11.76
N3 A1BLH E . 12.70 0.90 -11.26
C2 A1BLH E . 5.61 -0.23 -13.90
N1 A1BLH E . 5.46 -0.97 -15.14
C6 A1BLH E . 8.15 -0.49 -13.94
C5 A1BLH E . 6.88 -0.46 -13.11
C8 A1BLH E . 10.64 -0.56 -13.96
C1 A1BLH E . 4.37 -1.75 -15.12
C10 A1BLH E . 12.17 0.89 -12.51
C11 A1BLH E . 13.06 2.11 -10.55
C12 A1BLH E . 12.01 2.89 -9.85
C13 A1BLH E . 12.52 4.27 -9.36
C14 A1BLH E . 11.40 5.29 -8.95
C15 A1BLH E . 11.79 6.80 -9.07
C16 A1BLH E . 9.81 7.70 -10.18
C17 A1BLH E . 10.18 8.74 -11.24
C18 A1BLH E . 9.78 8.55 -12.60
C19 A1BLH E . 10.13 9.50 -13.55
C20 A1BLH E . 10.87 10.62 -13.15
C21 A1BLH E . 11.24 10.72 -11.80
C22 A1BLH E . 9.74 7.42 -7.68
C23 A1BLH E . 8.79 8.52 -7.26
C24 A1BLH E . 8.35 10.81 -7.46
C25 A1BLH E . 7.20 10.68 -6.67
C26 A1BLH E . 6.83 9.41 -6.19
C27 A1BLH E . 7.64 8.29 -6.37
C3 A1BLH E . 4.39 -0.74 -13.05
C7 A1BLH E . 9.40 -0.47 -13.11
C9 A1BLH E . 11.94 -0.42 -13.18
N2 A1BLH E . 3.71 -1.66 -13.94
N4 A1BLH E . 10.61 7.74 -8.92
N5 A1BLH E . 10.91 9.82 -10.83
N6 A1BLH E . 9.15 9.77 -7.76
O1 A1BLH E . 4.06 -2.50 -16.07
O2 A1BLH E . 11.88 1.98 -13.09
S1 A1BLH E . 6.51 -2.10 -12.26
H06 A1BLH E . 4.99 -0.69 -10.94
H07 A1BLH E . 4.20 -2.18 -11.40
H05 A1BLH E . 12.85 0.02 -10.78
H02 A1BLH E . 5.50 0.87 -14.10
H01 A1BLH E . 5.91 -0.55 -15.91
H11 A1BLH E . 8.11 0.36 -14.65
H10 A1BLH E . 8.11 -1.37 -14.61
H09 A1BLH E . 6.89 0.33 -12.35
H15 A1BLH E . 10.60 0.22 -14.75
H14 A1BLH E . 10.64 -1.52 -14.50
H19 A1BLH E . 13.56 2.81 -11.25
H18 A1BLH E . 13.84 1.86 -9.78
H20 A1BLH E . 11.61 2.32 -8.99
H21 A1BLH E . 11.14 3.04 -10.51
H23 A1BLH E . 13.15 4.72 -10.15
H22 A1BLH E . 13.20 4.12 -8.49
H25 A1BLH E . 11.08 5.08 -7.91
H24 A1BLH E . 10.50 5.11 -9.57
H26 A1BLH E . 12.29 6.95 -10.06
H27 A1BLH E . 12.58 7.03 -8.32
H29 A1BLH E . 8.72 7.81 -9.93
H28 A1BLH E . 9.85 6.68 -10.62
H30 A1BLH E . 9.22 7.67 -12.92
H31 A1BLH E . 9.84 9.40 -14.60
H32 A1BLH E . 11.16 11.39 -13.88
H33 A1BLH E . 11.81 11.60 -11.47
H34 A1BLH E . 10.40 7.17 -6.82
H35 A1BLH E . 9.16 6.49 -7.85
H36 A1BLH E . 8.65 11.78 -7.87
H37 A1BLH E . 6.59 11.57 -6.43
H38 A1BLH E . 5.88 9.33 -5.66
H39 A1BLH E . 7.41 7.34 -5.89
H04 A1BLH E . 3.75 0.15 -12.80
H13 A1BLH E . 9.37 -1.30 -12.37
H12 A1BLH E . 9.42 0.45 -12.49
H16 A1BLH E . 12.79 -0.63 -13.86
H17 A1BLH E . 11.99 -1.22 -12.42
H03 A1BLH E . 3.27 -2.41 -13.46
FE FE F . 11.56 9.70 -8.49
C4 A1BLH G . 1.70 -11.10 5.79
N3 A1BLH G . -5.21 -15.43 4.42
C2 A1BLH G . 1.08 -12.53 7.81
N1 A1BLH G . 2.05 -13.47 8.38
C6 A1BLH G . -0.27 -14.46 6.91
C5 A1BLH G . 0.16 -13.06 6.73
C8 A1BLH G . -1.91 -16.23 6.12
C1 A1BLH G . 3.30 -12.97 8.17
C10 A1BLH G . -4.38 -15.81 5.46
C11 A1BLH G . -6.51 -14.77 4.52
C12 A1BLH G . -6.58 -13.30 4.98
C13 A1BLH G . -8.02 -12.83 5.28
C14 A1BLH G . -8.12 -11.49 6.00
C15 A1BLH G . -9.14 -11.38 7.10
C16 A1BLH G . -8.06 -10.31 9.09
C17 A1BLH G . -8.68 -10.87 10.32
C18 A1BLH G . -7.99 -11.77 11.12
C19 A1BLH G . -8.61 -12.27 12.24
C20 A1BLH G . -9.90 -11.85 12.56
C21 A1BLH G . -10.50 -10.95 11.70
C22 A1BLH G . -8.80 -8.85 7.33
C23 A1BLH G . -9.28 -7.61 8.02
C24 A1BLH G . -10.57 -6.36 9.43
C25 A1BLH G . -9.90 -5.21 9.14
C26 A1BLH G . -8.87 -5.31 8.22
C27 A1BLH G . -8.60 -6.52 7.68
C3 A1BLH G . 1.98 -11.34 7.24
C7 A1BLH G . -1.44 -14.79 6.02
C9 A1BLH G . -3.06 -16.51 5.18
N2 A1BLH G . 3.33 -11.75 7.55
N4 A1BLH G . -8.94 -10.16 7.96
N5 A1BLH G . -9.92 -10.46 10.60
N6 A1BLH G . -10.27 -7.54 8.92
O1 A1BLH G . 4.33 -13.55 8.55
O2 A1BLH G . -4.70 -15.57 6.60
S1 A1BLH G . 1.29 -12.80 5.31
H06 A1BLH G . 0.85 -10.42 5.64
H07 A1BLH G . 2.55 -10.64 5.27
H05 A1BLH G . -4.91 -15.65 3.47
H02 A1BLH G . 0.39 -12.18 8.63
H01 A1BLH G . 1.73 -14.30 8.79
H11 A1BLH G . -0.54 -14.65 7.97
H10 A1BLH G . 0.59 -15.13 6.72
H09 A1BLH G . -0.70 -12.40 6.63
H15 A1BLH G . -2.19 -16.45 7.18
H14 A1BLH G . -1.08 -16.91 5.88
H19 A1BLH G . -7.14 -15.36 5.21
H18 A1BLH G . -7.02 -14.82 3.54
H20 A1BLH G . -6.16 -12.65 4.21
H21 A1BLH G . -5.96 -13.14 5.88
H23 A1BLH G . -8.54 -13.60 5.89
H22 A1BLH G . -8.58 -12.76 4.34
H25 A1BLH G . -8.34 -10.71 5.27
H24 A1BLH G . -7.15 -11.25 6.44
H26 A1BLH G . -9.10 -12.31 7.71
H27 A1BLH G . -10.14 -11.38 6.64
H29 A1BLH G . -7.17 -10.91 8.75
H28 A1BLH G . -7.63 -9.34 9.33
H30 A1BLH G . -6.98 -12.11 10.88
H31 A1BLH G . -8.11 -12.99 12.90
H32 A1BLH G . -10.41 -12.23 13.44
H33 A1BLH G . -11.52 -10.60 11.92
H34 A1BLH G . -9.11 -8.85 6.26
H35 A1BLH G . -7.81 -8.64 7.28
H36 A1BLH G . -11.39 -6.35 10.15
H37 A1BLH G . -10.17 -4.32 9.59
H38 A1BLH G . -8.28 -4.45 7.93
H39 A1BLH G . -7.76 -6.61 6.98
H04 A1BLH G . 1.80 -10.34 7.74
H13 A1BLH G . -1.14 -14.55 4.99
H12 A1BLH G . -2.25 -14.10 6.28
H16 A1BLH G . -3.25 -17.59 5.16
H17 A1BLH G . -2.73 -16.26 4.18
H03 A1BLH G . 4.08 -11.17 7.27
FE FE H . -13.01 -9.27 6.03
FE FE I . -12.44 -11.70 7.87
FE FE J . -14.43 -9.12 7.92
C4 A1BLH K . -12.34 2.87 0.44
N3 A1BLH K . -15.12 -0.31 7.54
C2 A1BLH K . -14.70 1.96 0.21
N1 A1BLH K . -15.76 2.84 -0.30
C6 A1BLH K . -15.72 2.04 2.51
C5 A1BLH K . -14.48 1.94 1.69
C8 A1BLH K . -16.71 1.78 4.82
C1 A1BLH K . -15.22 3.71 -1.19
C10 A1BLH K . -16.01 -0.01 6.56
C11 A1BLH K . -14.70 -1.65 7.94
C12 A1BLH K . -13.74 -2.40 7.02
C13 A1BLH K . -13.35 -3.78 7.56
C14 A1BLH K . -12.67 -4.68 6.51
C15 A1BLH K . -13.23 -6.11 6.45
C16 A1BLH K . -11.39 -6.78 4.91
C17 A1BLH K . -10.82 -7.90 4.12
C18 A1BLH K . -9.68 -7.70 3.41
C19 A1BLH K . -9.16 -8.69 2.65
C20 A1BLH K . -9.80 -9.93 2.61
C21 A1BLH K . -10.95 -10.06 3.35
C22 A1BLH K . -13.62 -6.60 4.01
C23 A1BLH K . -14.85 -7.45 3.79
C24 A1BLH K . -15.87 -9.50 3.98
C25 A1BLH K . -17.05 -9.06 3.39
C26 A1BLH K . -17.10 -7.73 3.00
C27 A1BLH K . -16.00 -6.92 3.19
C3 A1BLH K . -13.39 2.48 -0.54
C7 A1BLH K . -15.48 1.65 3.94
C9 A1BLH K . -16.39 1.42 6.26
N2 A1BLH K . -13.87 3.56 -1.38
N4 A1BLH K . -12.83 -6.87 5.22
N5 A1BLH K . -11.46 -9.08 4.08
N6 A1BLH K . -14.79 -8.73 4.18
O1 A1BLH K . -15.89 4.59 -1.76
O2 A1BLH K . -16.51 -0.89 5.90
S1 A1BLH K . -13.39 3.41 1.82
H06 A1BLH K . -11.71 2.02 0.73
H07 A1BLH K . -11.65 3.63 0.04
H05 A1BLH K . -14.73 0.44 8.08
H02 A1BLH K . -14.96 0.91 -0.06
H01 A1BLH K . -16.69 2.71 0.02
H11 A1BLH K . -16.51 1.38 2.07
H10 A1BLH K . -16.14 3.06 2.41
H09 A1BLH K . -13.93 1.04 1.97
H15 A1BLH K . -17.52 1.14 4.42
H14 A1BLH K . -17.07 2.82 4.78
H19 A1BLH K . -15.60 -2.28 8.05
H18 A1BLH K . -14.24 -1.62 8.94
H20 A1BLH K . -12.83 -1.82 6.85
H21 A1BLH K . -14.19 -2.54 6.02
H23 A1BLH K . -14.24 -4.30 7.95
H22 A1BLH K . -12.66 -3.66 8.41
H25 A1BLH K . -12.76 -4.21 5.52
H24 A1BLH K . -11.59 -4.71 6.73
H26 A1BLH K . -14.33 -6.06 6.51
H27 A1BLH K . -12.91 -6.66 7.35
H29 A1BLH K . -10.84 -6.65 5.86
H28 A1BLH K . -11.19 -5.82 4.38
H30 A1BLH K . -9.17 -6.73 3.43
H31 A1BLH K . -8.26 -8.50 2.10
H32 A1BLH K . -9.44 -10.75 2.03
H33 A1BLH K . -11.49 -11.01 3.34
H34 A1BLH K . -12.99 -6.77 3.15
H35 A1BLH K . -13.94 -5.54 3.93
H36 A1BLH K . -15.77 -10.53 4.32
H37 A1BLH K . -17.89 -9.74 3.27
H38 A1BLH K . -18.02 -7.36 2.54
H39 A1BLH K . -16.04 -5.88 2.87
H04 A1BLH K . -12.90 1.71 -1.20
H13 A1BLH K . -14.66 2.28 4.31
H12 A1BLH K . -15.10 0.62 3.94
H16 A1BLH K . -17.26 1.68 6.88
H17 A1BLH K . -15.61 2.08 6.60
H03 A1BLH K . -13.23 4.04 -1.92
FE FE L . -11.29 -9.67 8.37
S SO4 M . -25.93 -3.17 5.10
O1 SO4 M . -27.17 -2.78 4.43
O2 SO4 M . -25.00 -2.05 5.10
O3 SO4 M . -26.26 -3.57 6.48
O4 SO4 M . -25.33 -4.32 4.42
C4 A1BLH N . 6.08 10.01 5.25
N3 A1BLH N . 7.73 15.07 -0.91
C2 A1BLH N . 8.31 11.13 5.64
N1 A1BLH N . 8.47 11.87 6.88
C6 A1BLH N . 8.17 13.28 4.29
C5 A1BLH N . 7.66 11.88 4.49
C8 A1BLH N . 8.16 15.31 2.77
C1 A1BLH N . 7.82 11.29 7.90
C10 A1BLH N . 8.48 15.28 0.24
C11 A1BLH N . 8.31 14.57 -2.15
C12 A1BLH N . 8.53 13.11 -2.21
C13 A1BLH N . 9.19 12.74 -3.56
C14 A1BLH N . 9.79 11.27 -3.61
C15 A1BLH N . 11.11 11.10 -4.43
C16 A1BLH N . 12.46 9.65 -3.00
C17 A1BLH N . 13.93 10.08 -3.02
C18 A1BLH N . 14.57 10.48 -1.82
C19 A1BLH N . 15.91 10.86 -1.85
C20 A1BLH N . 16.60 10.82 -3.06
C21 A1BLH N . 15.89 10.40 -4.21
C22 A1BLH N . 10.69 8.58 -4.40
C23 A1BLH N . 11.28 7.20 -4.62
C24 A1BLH N . 13.22 6.11 -5.28
C25 A1BLH N . 12.63 4.86 -5.07
C26 A1BLH N . 11.31 4.82 -4.59
C27 A1BLH N . 10.55 5.95 -4.42
C3 A1BLH N . 7.36 9.95 6.07
C7 A1BLH N . 7.73 13.87 2.95
C9 A1BLH N . 7.82 15.89 1.42
N2 A1BLH N . 7.15 10.15 7.50
N4 A1BLH N . 11.72 9.72 -4.30
N5 A1BLH N . 14.59 10.04 -4.22
N6 A1BLH N . 12.59 7.28 -5.08
O1 A1BLH N . 7.78 11.75 9.07
O2 A1BLH N . 9.71 14.93 0.31
S1 A1BLH N . 5.86 11.79 4.94
H06 A1BLH N . 6.16 9.42 4.32
H07 A1BLH N . 5.22 9.56 5.79
H05 A1BLH N . 6.75 15.28 -0.92
H02 A1BLH N . 9.31 10.73 5.31
H01 A1BLH N . 9.27 12.44 6.89
H11 A1BLH N . 9.27 13.27 4.38
H10 A1BLH N . 7.85 13.91 5.14
H09 A1BLH N . 7.83 11.22 3.62
H15 A1BLH N . 9.25 15.39 2.92
H14 A1BLH N . 7.70 15.94 3.55
H19 A1BLH N . 9.28 15.07 -2.35
H18 A1BLH N . 7.65 14.85 -3.01
H20 A1BLH N . 7.59 12.54 -2.08
H21 A1BLH N . 9.18 12.76 -1.37
H23 A1BLH N . 9.99 13.47 -3.80
H22 A1BLH N . 8.45 12.85 -4.38
H25 A1BLH N . 9.03 10.58 -4.02
H24 A1BLH N . 9.96 10.92 -2.58
H26 A1BLH N . 10.90 11.34 -5.50
H27 A1BLH N . 11.84 11.88 -4.11
H29 A1BLH N . 12.36 8.63 -2.59
H28 A1BLH N . 11.91 10.27 -2.25
H30 A1BLH N . 14.04 10.52 -0.87
H31 A1BLH N . 16.43 11.16 -0.94
H32 A1BLH N . 17.66 11.10 -3.12
H33 A1BLH N . 16.42 10.38 -5.17
H34 A1BLH N . 9.96 8.79 -5.21
H35 A1BLH N . 10.05 8.56 -3.49
H36 A1BLH N . 14.26 6.19 -5.64
H37 A1BLH N . 13.18 3.94 -5.28
H38 A1BLH N . 10.91 3.83 -4.34
H39 A1BLH N . 9.49 5.90 -4.17
H04 A1BLH N . 7.90 8.98 5.87
H13 A1BLH N . 6.63 13.79 2.87
H12 A1BLH N . 8.12 13.25 2.13
H16 A1BLH N . 8.03 16.98 1.42
H17 A1BLH N . 6.72 15.83 1.27
H03 A1BLH N . 6.26 9.85 7.80
FE FE O . 13.10 9.57 -6.10
FE FE P . 13.28 11.80 -6.95
FE FE Q . 13.85 9.39 -9.11
S SO4 R . 14.88 5.03 -21.86
O1 SO4 R . 13.90 6.11 -21.84
O2 SO4 R . 16.21 5.64 -21.71
O3 SO4 R . 14.59 4.10 -20.75
O4 SO4 R . 14.85 4.32 -23.13
#